data_5BZW
#
_entry.id   5BZW
#
_cell.length_a   89.354
_cell.length_b   89.354
_cell.length_c   211.301
_cell.angle_alpha   90.00
_cell.angle_beta   90.00
_cell.angle_gamma   120.00
#
_symmetry.space_group_name_H-M   'P 61 2 2'
#
loop_
_entity.id
_entity.type
_entity.pdbx_description
1 polymer '2B3 HIV Antibody light chain'
2 polymer '2B3 HIV Antibody heavy chain'
3 non-polymer 'SULFATE ION'
4 non-polymer 2-acetamido-2-deoxy-beta-D-glucopyranose
5 water water
#
loop_
_entity_poly.entity_id
_entity_poly.type
_entity_poly.pdbx_seq_one_letter_code
_entity_poly.pdbx_strand_id
1 'polypeptide(L)'
;EIVLTQSPGTLSLSPGERATLSCRASQSVSAKNLAWYQQKPGQTPRLLMYGVSLRNTGVPDRFSGSGSGTDFTLTISRLE
PEDSAVYFCQQYGTSPTFGQGTKVEIKRTVAAPSVFIFPPSDEQLKSGTASVVCLLNNFYPREAKVQWKVDNALQSGNSQ
ESVTEQDSKDSTYSLSSTLTLSKADYEKHKVYACEVTHQGLSSPVTKSFNRGEC
;
A
2 'polypeptide(L)'
;QVQLQQWGAGLLKPSETLSLTCAVYNESLSAFSWSWIRQFPGQGLEWIGEIDHTTSSNYNPSLKRRINISIDTSKKQFSL
KLYSVTAADTAVYYCARGGRKVYHAYWSGYVNNCFDPWGQGTLVTVSSASTKGPSVFPLAPSSKSTSGGTAALGCLVKDY
FPEPVTVSWNSGALTSGVHTFPAVLQSSGLYSLSSVVTVPSSSLGTQTYICNVNHKPSNTKVDKRVEPKSCD
;
B
#
# COMPACT_ATOMS: atom_id res chain seq x y z
N GLU A 1 -24.23 12.79 5.62
CA GLU A 1 -25.46 12.75 4.84
C GLU A 1 -25.17 13.01 3.37
N ILE A 2 -24.14 13.81 3.10
CA ILE A 2 -23.75 14.13 1.73
C ILE A 2 -22.87 13.04 1.14
N VAL A 3 -23.30 12.45 0.04
CA VAL A 3 -22.54 11.42 -0.64
C VAL A 3 -21.79 11.99 -1.84
N LEU A 4 -20.49 11.72 -1.91
CA LEU A 4 -19.66 12.19 -3.01
C LEU A 4 -19.39 11.07 -4.00
N THR A 5 -19.71 11.31 -5.27
CA THR A 5 -19.50 10.32 -6.32
C THR A 5 -18.49 10.82 -7.34
N GLN A 6 -17.33 10.17 -7.42
CA GLN A 6 -16.29 10.55 -8.37
C GLN A 6 -16.35 9.74 -9.67
N SER A 7 -16.03 10.40 -10.77
CA SER A 7 -15.95 9.75 -12.07
C SER A 7 -14.76 10.28 -12.86
N PRO A 8 -14.08 9.46 -13.77
CA PRO A 8 -14.45 8.04 -13.78
C PRO A 8 -13.77 7.21 -12.71
N GLY A 9 -14.16 5.96 -12.57
CA GLY A 9 -13.51 5.12 -11.57
C GLY A 9 -12.03 4.96 -11.85
N THR A 10 -11.69 4.74 -13.12
CA THR A 10 -10.30 4.56 -13.52
C THR A 10 -9.98 5.43 -14.73
N LEU A 11 -8.76 5.95 -14.78
CA LEU A 11 -8.35 6.83 -15.86
C LEU A 11 -6.96 6.45 -16.39
N SER A 12 -6.88 6.16 -17.68
CA SER A 12 -5.61 5.75 -18.29
C SER A 12 -5.22 6.71 -19.40
N LEU A 13 -4.17 7.49 -19.17
CA LEU A 13 -3.72 8.50 -20.13
C LEU A 13 -2.20 8.56 -20.24
N SER A 14 -1.71 8.97 -21.40
CA SER A 14 -0.28 9.13 -21.62
C SER A 14 0.22 10.40 -20.94
N PRO A 15 1.54 10.47 -20.65
CA PRO A 15 2.08 11.69 -20.05
C PRO A 15 2.03 12.85 -21.02
N GLY A 16 1.68 14.03 -20.51
CA GLY A 16 1.57 15.22 -21.34
C GLY A 16 0.12 15.54 -21.70
N GLU A 17 -0.79 14.64 -21.34
CA GLU A 17 -2.20 14.82 -21.65
C GLU A 17 -2.96 15.40 -20.46
N ARG A 18 -4.15 15.94 -20.73
CA ARG A 18 -4.95 16.58 -19.69
C ARG A 18 -5.86 15.57 -19.00
N ALA A 19 -5.73 15.47 -17.68
CA ALA A 19 -6.56 14.58 -16.89
C ALA A 19 -7.66 15.35 -16.18
N THR A 20 -8.91 15.09 -16.57
CA THR A 20 -10.05 15.74 -15.95
C THR A 20 -10.78 14.77 -15.02
N LEU A 21 -10.81 15.12 -13.73
CA LEU A 21 -11.46 14.29 -12.73
C LEU A 21 -12.71 14.98 -12.22
N SER A 22 -13.78 14.22 -12.01
CA SER A 22 -15.05 14.80 -11.60
C SER A 22 -15.46 14.35 -10.20
N CYS A 23 -16.26 15.18 -9.52
CA CYS A 23 -16.78 14.86 -8.21
C CYS A 23 -18.14 15.49 -8.00
N ARG A 24 -19.17 14.67 -7.82
CA ARG A 24 -20.53 15.15 -7.66
C ARG A 24 -21.08 14.79 -6.29
N ALA A 25 -21.79 15.74 -5.70
CA ALA A 25 -22.32 15.59 -4.38
C ALA A 25 -23.82 15.43 -4.38
N SER A 26 -24.30 14.57 -3.51
CA SER A 26 -25.71 14.30 -3.33
C SER A 26 -26.46 15.55 -2.89
N GLN A 27 -25.80 16.36 -2.08
CA GLN A 27 -26.35 17.60 -1.58
C GLN A 27 -25.46 18.76 -1.96
N SER A 28 -25.97 19.97 -1.89
CA SER A 28 -25.14 21.15 -2.15
C SER A 28 -24.03 21.33 -1.16
N VAL A 29 -22.89 21.80 -1.64
CA VAL A 29 -21.73 21.93 -0.79
C VAL A 29 -21.44 23.39 -0.50
N SER A 30 -21.42 23.72 0.77
CA SER A 30 -21.44 25.09 1.20
C SER A 30 -20.11 25.76 1.04
N ALA A 31 -20.13 26.91 0.39
CA ALA A 31 -19.07 27.87 0.48
C ALA A 31 -17.70 27.33 0.18
N LYS A 32 -17.59 26.44 -0.78
CA LYS A 32 -16.27 25.96 -1.18
C LYS A 32 -15.54 25.05 -0.22
N ASN A 33 -16.28 24.33 0.61
CA ASN A 33 -15.67 23.37 1.49
C ASN A 33 -15.47 22.05 0.78
N LEU A 34 -14.59 22.07 -0.20
CA LEU A 34 -14.25 20.86 -0.94
C LEU A 34 -12.73 20.74 -1.04
N ALA A 35 -12.20 19.55 -0.80
CA ALA A 35 -10.76 19.32 -0.85
C ALA A 35 -10.41 18.11 -1.70
N TRP A 36 -9.20 18.10 -2.24
CA TRP A 36 -8.72 16.98 -3.04
C TRP A 36 -7.47 16.38 -2.42
N TYR A 37 -7.36 15.04 -2.48
CA TYR A 37 -6.19 14.36 -1.96
C TYR A 37 -5.52 13.50 -3.03
N GLN A 38 -4.26 13.16 -2.81
CA GLN A 38 -3.51 12.29 -3.70
C GLN A 38 -2.84 11.19 -2.89
N GLN A 39 -3.06 9.94 -3.27
CA GLN A 39 -2.46 8.83 -2.54
C GLN A 39 -1.57 7.97 -3.45
N LYS A 40 -0.28 8.29 -3.46
CA LYS A 40 0.69 7.49 -4.19
C LYS A 40 0.89 6.15 -3.49
N PRO A 41 1.35 5.12 -4.23
CA PRO A 41 1.54 3.77 -3.70
C PRO A 41 2.33 3.71 -2.39
N GLY A 42 1.78 3.03 -1.39
CA GLY A 42 2.46 2.83 -0.12
C GLY A 42 2.57 4.08 0.73
N GLN A 43 1.81 5.10 0.39
CA GLN A 43 1.85 6.36 1.14
C GLN A 43 0.50 6.69 1.77
N THR A 44 0.49 7.74 2.58
CA THR A 44 -0.73 8.25 3.18
C THR A 44 -1.33 9.33 2.27
N PRO A 45 -2.65 9.55 2.36
CA PRO A 45 -3.27 10.62 1.57
C PRO A 45 -2.73 11.99 1.97
N ARG A 46 -2.28 12.77 0.99
CA ARG A 46 -1.74 14.09 1.26
C ARG A 46 -2.55 15.17 0.58
N LEU A 47 -2.84 16.24 1.31
CA LEU A 47 -3.69 17.32 0.82
C LEU A 47 -3.13 17.95 -0.46
N LEU A 48 -3.87 17.78 -1.55
CA LEU A 48 -3.46 18.31 -2.84
C LEU A 48 -4.10 19.67 -3.09
N MET A 49 -5.39 19.77 -2.88
CA MET A 49 -6.13 21.00 -3.13
C MET A 49 -7.15 21.21 -2.03
N TYR A 50 -7.43 22.45 -1.66
CA TYR A 50 -8.43 22.76 -0.66
C TYR A 50 -9.12 24.07 -0.98
N GLY A 51 -10.31 24.27 -0.42
CA GLY A 51 -11.08 25.44 -0.68
C GLY A 51 -11.48 25.51 -2.12
N VAL A 52 -11.62 24.33 -2.71
CA VAL A 52 -11.98 24.15 -4.12
C VAL A 52 -10.83 24.51 -5.04
N SER A 53 -10.35 25.74 -4.99
CA SER A 53 -9.31 26.16 -5.93
C SER A 53 -7.95 26.42 -5.32
N LEU A 54 -7.87 26.40 -4.01
CA LEU A 54 -6.65 26.76 -3.34
C LEU A 54 -5.66 25.62 -3.37
N ARG A 55 -4.44 25.92 -3.77
CA ARG A 55 -3.47 24.91 -3.98
C ARG A 55 -2.57 24.88 -2.79
N ASN A 56 -2.53 23.73 -2.18
CA ASN A 56 -1.67 23.48 -1.03
C ASN A 56 -0.20 23.75 -1.34
N THR A 57 0.58 24.06 -0.32
CA THR A 57 1.99 24.37 -0.50
C THR A 57 2.78 23.17 -1.00
N GLY A 58 3.61 23.39 -2.01
CA GLY A 58 4.42 22.33 -2.58
C GLY A 58 3.76 21.63 -3.74
N VAL A 59 2.51 21.99 -4.02
CA VAL A 59 1.76 21.38 -5.11
C VAL A 59 1.96 22.14 -6.42
N PRO A 60 2.26 21.45 -7.50
CA PRO A 60 2.58 22.13 -8.75
C PRO A 60 1.40 22.90 -9.28
N ASP A 61 1.66 23.96 -10.05
CA ASP A 61 0.62 24.56 -10.82
C ASP A 61 -0.51 24.07 -11.70
N ARG A 62 -0.02 22.93 -12.14
CA ARG A 62 -0.72 22.10 -13.11
C ARG A 62 -2.02 21.51 -12.62
N PHE A 63 -2.07 21.16 -11.35
CA PHE A 63 -3.33 20.80 -10.73
C PHE A 63 -4.24 21.99 -10.55
N SER A 64 -5.52 21.83 -10.80
CA SER A 64 -6.50 22.90 -10.71
C SER A 64 -7.84 22.39 -10.18
N GLY A 65 -8.47 23.18 -9.32
CA GLY A 65 -9.78 22.84 -8.78
C GLY A 65 -10.87 23.75 -9.32
N SER A 66 -12.05 23.19 -9.55
CA SER A 66 -13.15 23.95 -10.13
C SER A 66 -14.50 23.48 -9.62
N GLY A 67 -15.57 24.10 -10.10
CA GLY A 67 -16.92 23.69 -9.78
C GLY A 67 -17.47 24.28 -8.49
N SER A 68 -18.77 24.13 -8.30
CA SER A 68 -19.44 24.61 -7.09
C SER A 68 -20.78 23.89 -6.88
N GLY A 69 -21.27 23.92 -5.65
CA GLY A 69 -22.56 23.33 -5.33
C GLY A 69 -22.58 21.81 -5.41
N THR A 70 -22.92 21.29 -6.59
CA THR A 70 -23.06 19.86 -6.78
C THR A 70 -21.84 19.24 -7.46
N ASP A 71 -21.43 19.81 -8.58
CA ASP A 71 -20.36 19.24 -9.39
C ASP A 71 -19.04 19.98 -9.21
N PHE A 72 -17.98 19.21 -8.92
CA PHE A 72 -16.63 19.77 -8.78
C PHE A 72 -15.68 19.11 -9.76
N THR A 73 -14.53 19.74 -10.01
CA THR A 73 -13.61 19.25 -11.02
C THR A 73 -12.14 19.43 -10.63
N LEU A 74 -11.38 18.36 -10.72
CA LEU A 74 -9.93 18.42 -10.55
C LEU A 74 -9.25 18.19 -11.90
N THR A 75 -8.34 19.08 -12.26
CA THR A 75 -7.72 19.02 -13.59
C THR A 75 -6.19 19.00 -13.51
N ILE A 76 -5.59 18.00 -14.15
CA ILE A 76 -4.14 17.94 -14.28
C ILE A 76 -3.77 18.24 -15.73
N SER A 77 -3.17 19.40 -15.96
CA SER A 77 -2.92 19.90 -17.31
C SER A 77 -1.96 19.01 -18.09
N ARG A 78 -0.82 18.70 -17.49
CA ARG A 78 0.19 17.88 -18.16
C ARG A 78 0.64 16.73 -17.26
N LEU A 79 0.08 15.54 -17.50
CA LEU A 79 0.37 14.37 -16.68
C LEU A 79 1.84 13.98 -16.73
N GLU A 80 2.34 13.50 -15.59
CA GLU A 80 3.70 13.00 -15.48
C GLU A 80 3.65 11.56 -14.99
N PRO A 81 4.71 10.78 -15.26
CA PRO A 81 4.75 9.39 -14.79
C PRO A 81 4.67 9.24 -13.27
N GLU A 82 4.90 10.34 -12.56
CA GLU A 82 4.82 10.33 -11.10
C GLU A 82 3.43 10.70 -10.62
N ASP A 83 2.58 11.18 -11.54
CA ASP A 83 1.22 11.59 -11.20
C ASP A 83 0.29 10.39 -11.06
N SER A 84 0.83 9.20 -11.28
CA SER A 84 0.05 7.97 -11.17
C SER A 84 -0.27 7.64 -9.72
N ALA A 85 -1.52 7.86 -9.33
CA ALA A 85 -1.96 7.59 -7.96
C ALA A 85 -3.48 7.52 -7.89
N VAL A 86 -4.01 7.46 -6.66
CA VAL A 86 -5.45 7.51 -6.45
C VAL A 86 -5.83 8.88 -5.91
N TYR A 87 -6.87 9.48 -6.47
CA TYR A 87 -7.27 10.82 -6.08
C TYR A 87 -8.65 10.83 -5.44
N PHE A 88 -8.71 11.30 -4.20
CA PHE A 88 -9.97 11.38 -3.46
C PHE A 88 -10.43 12.83 -3.34
N CYS A 89 -11.73 13.05 -3.42
CA CYS A 89 -12.31 14.36 -3.13
C CYS A 89 -13.06 14.29 -1.81
N GLN A 90 -13.05 15.39 -1.06
CA GLN A 90 -13.66 15.41 0.26
C GLN A 90 -14.35 16.73 0.54
N GLN A 91 -15.53 16.67 1.13
CA GLN A 91 -16.25 17.88 1.54
C GLN A 91 -16.20 18.02 3.05
N TYR A 92 -15.89 19.24 3.50
CA TYR A 92 -15.85 19.55 4.90
C TYR A 92 -16.97 20.49 5.30
N GLY A 93 -17.87 20.72 4.35
CA GLY A 93 -19.00 21.60 4.56
C GLY A 93 -19.94 21.10 5.63
N THR A 94 -20.14 19.80 5.63
CA THR A 94 -20.92 19.12 6.63
C THR A 94 -20.00 18.17 7.35
N SER A 95 -20.56 17.12 7.95
CA SER A 95 -19.77 16.11 8.58
C SER A 95 -18.98 15.50 7.47
N PRO A 96 -17.60 15.41 7.71
CA PRO A 96 -16.82 15.03 6.51
C PRO A 96 -17.07 13.68 5.85
N THR A 97 -17.00 13.68 4.52
CA THR A 97 -17.16 12.44 3.74
C THR A 97 -16.22 12.45 2.54
N PHE A 98 -15.80 11.27 2.10
CA PHE A 98 -14.93 11.15 0.94
C PHE A 98 -15.66 10.54 -0.25
N GLY A 99 -15.05 10.59 -1.42
CA GLY A 99 -15.57 9.90 -2.58
C GLY A 99 -15.03 8.48 -2.60
N GLN A 100 -15.48 7.67 -3.55
CA GLN A 100 -15.00 6.30 -3.65
C GLN A 100 -13.57 6.26 -4.17
N GLY A 101 -13.13 7.38 -4.72
CA GLY A 101 -11.78 7.48 -5.25
C GLY A 101 -11.71 7.19 -6.73
N THR A 102 -10.84 7.93 -7.43
CA THR A 102 -10.62 7.70 -8.85
C THR A 102 -9.14 7.46 -9.12
N LYS A 103 -8.81 6.29 -9.65
CA LYS A 103 -7.43 5.89 -9.84
C LYS A 103 -6.92 6.27 -11.23
N VAL A 104 -5.70 6.79 -11.29
CA VAL A 104 -5.10 7.23 -12.55
C VAL A 104 -3.78 6.54 -12.82
N GLU A 105 -3.65 5.90 -13.98
CA GLU A 105 -2.38 5.31 -14.38
C GLU A 105 -1.83 6.02 -15.61
N ILE A 106 -0.51 5.95 -15.76
CA ILE A 106 0.16 6.61 -16.87
C ILE A 106 0.54 5.62 -17.97
N LYS A 107 0.08 5.86 -19.18
CA LYS A 107 0.39 4.98 -20.31
C LYS A 107 1.82 5.17 -20.79
N ARG A 108 2.36 4.14 -21.43
CA ARG A 108 3.71 4.20 -21.99
C ARG A 108 3.88 3.15 -23.07
N THR A 109 5.02 3.17 -23.75
CA THR A 109 5.33 2.18 -24.78
C THR A 109 5.35 0.77 -24.20
N VAL A 110 4.98 -0.21 -25.01
CA VAL A 110 4.91 -1.59 -24.57
C VAL A 110 6.23 -2.08 -24.02
N ALA A 111 6.22 -2.54 -22.77
CA ALA A 111 7.41 -3.08 -22.15
C ALA A 111 7.26 -4.57 -21.87
N ALA A 112 8.07 -5.38 -22.53
CA ALA A 112 8.04 -6.82 -22.31
C ALA A 112 8.69 -7.16 -20.98
N PRO A 113 8.06 -8.05 -20.20
CA PRO A 113 8.57 -8.41 -18.88
C PRO A 113 9.85 -9.24 -18.93
N SER A 114 10.73 -9.06 -17.95
CA SER A 114 11.89 -9.92 -17.79
C SER A 114 11.55 -11.03 -16.81
N VAL A 115 11.56 -12.26 -17.29
CA VAL A 115 11.11 -13.40 -16.49
C VAL A 115 12.26 -14.08 -15.75
N PHE A 116 12.11 -14.21 -14.44
CA PHE A 116 13.06 -14.94 -13.62
C PHE A 116 12.34 -16.04 -12.85
N ILE A 117 13.02 -17.17 -12.65
CA ILE A 117 12.43 -18.27 -11.90
C ILE A 117 13.35 -18.68 -10.76
N PHE A 118 12.75 -19.03 -9.62
CA PHE A 118 13.52 -19.39 -8.43
C PHE A 118 13.10 -20.74 -7.88
N PRO A 119 14.05 -21.68 -7.76
CA PRO A 119 13.79 -22.96 -7.10
C PRO A 119 13.63 -22.77 -5.60
N PRO A 120 12.87 -23.65 -4.93
CA PRO A 120 12.74 -23.55 -3.47
C PRO A 120 14.06 -23.87 -2.77
N SER A 121 14.37 -23.11 -1.74
CA SER A 121 15.60 -23.29 -1.03
C SER A 121 15.60 -24.60 -0.28
N ASP A 122 16.80 -25.11 -0.02
CA ASP A 122 17.01 -26.31 0.77
C ASP A 122 16.55 -26.20 2.20
N GLU A 123 16.73 -25.02 2.77
CA GLU A 123 16.31 -24.72 4.11
C GLU A 123 14.82 -24.89 4.25
N GLN A 124 14.08 -24.42 3.27
CA GLN A 124 12.64 -24.57 3.23
C GLN A 124 12.10 -25.98 3.10
N LEU A 125 12.79 -26.81 2.35
CA LEU A 125 12.41 -28.20 2.09
C LEU A 125 12.32 -29.01 3.38
N LYS A 126 13.10 -28.63 4.38
CA LYS A 126 13.08 -29.30 5.68
C LYS A 126 11.77 -29.02 6.41
N SER A 127 11.07 -27.97 5.99
CA SER A 127 9.78 -27.62 6.58
C SER A 127 8.66 -28.53 6.06
N GLY A 128 8.84 -29.06 4.85
CA GLY A 128 7.86 -29.95 4.26
C GLY A 128 7.02 -29.27 3.20
N THR A 129 7.40 -28.06 2.83
CA THR A 129 6.68 -27.31 1.80
C THR A 129 7.67 -26.70 0.81
N ALA A 130 7.34 -26.75 -0.47
CA ALA A 130 8.19 -26.18 -1.50
C ALA A 130 7.49 -25.03 -2.21
N SER A 131 8.07 -23.84 -2.13
CA SER A 131 7.54 -22.68 -2.82
C SER A 131 8.43 -22.28 -3.99
N VAL A 132 7.87 -22.38 -5.20
CA VAL A 132 8.58 -21.97 -6.41
C VAL A 132 8.07 -20.62 -6.87
N VAL A 133 8.99 -19.68 -7.09
CA VAL A 133 8.61 -18.31 -7.41
C VAL A 133 8.99 -17.91 -8.83
N CYS A 134 8.00 -17.45 -9.59
CA CYS A 134 8.26 -16.87 -10.91
C CYS A 134 8.14 -15.35 -10.85
N LEU A 135 9.14 -14.66 -11.38
CA LEU A 135 9.17 -13.20 -11.30
C LEU A 135 9.00 -12.55 -12.67
N LEU A 136 8.09 -11.59 -12.74
CA LEU A 136 7.90 -10.78 -13.94
C LEU A 136 8.27 -9.34 -13.62
N ASN A 137 9.36 -8.85 -14.20
CA ASN A 137 9.95 -7.59 -13.77
C ASN A 137 9.84 -6.46 -14.80
N ASN A 138 9.21 -5.36 -14.37
CA ASN A 138 9.08 -4.13 -15.16
C ASN A 138 8.34 -3.78 -16.45
N PHE A 139 7.11 -4.26 -16.58
CA PHE A 139 6.39 -4.43 -17.84
C PHE A 139 5.14 -3.55 -17.94
N TYR A 140 4.68 -3.32 -19.14
CA TYR A 140 3.43 -2.64 -19.33
C TYR A 140 2.85 -3.21 -20.62
N PRO A 141 1.46 -3.40 -20.78
CA PRO A 141 0.62 -2.97 -19.64
C PRO A 141 0.46 -4.00 -18.54
N ARG A 142 -0.40 -3.70 -17.57
CA ARG A 142 -0.46 -4.42 -16.32
C ARG A 142 -0.81 -5.84 -16.53
N GLU A 143 -1.48 -6.10 -17.63
CA GLU A 143 -2.08 -7.39 -17.86
C GLU A 143 -1.08 -8.44 -18.29
N ALA A 144 -1.05 -9.55 -17.57
CA ALA A 144 -0.10 -10.60 -17.86
C ALA A 144 -0.70 -11.97 -17.59
N LYS A 145 -0.22 -12.97 -18.31
CA LYS A 145 -0.65 -14.35 -18.07
C LYS A 145 0.50 -15.26 -17.69
N VAL A 146 0.36 -15.92 -16.57
CA VAL A 146 1.36 -16.82 -16.02
C VAL A 146 0.78 -18.21 -15.85
N GLN A 147 1.52 -19.20 -16.30
CA GLN A 147 1.11 -20.59 -16.19
C GLN A 147 2.23 -21.39 -15.60
N TRP A 148 1.88 -22.38 -14.79
CA TRP A 148 2.86 -23.23 -14.17
C TRP A 148 2.71 -24.60 -14.77
N LYS A 149 3.83 -25.23 -15.07
CA LYS A 149 3.86 -26.60 -15.51
C LYS A 149 4.79 -27.42 -14.63
N VAL A 150 4.34 -28.56 -14.16
CA VAL A 150 5.24 -29.56 -13.61
C VAL A 150 5.25 -30.74 -14.55
N ASP A 151 6.39 -31.03 -15.12
CA ASP A 151 6.53 -32.14 -16.06
C ASP A 151 5.64 -32.05 -17.28
N ASN A 152 5.49 -30.84 -17.81
CA ASN A 152 4.58 -30.55 -18.91
C ASN A 152 3.10 -30.70 -18.55
N ALA A 153 2.79 -30.59 -17.26
CA ALA A 153 1.41 -30.69 -16.80
C ALA A 153 0.93 -29.35 -16.26
N LEU A 154 -0.12 -28.80 -16.82
CA LEU A 154 -0.60 -27.52 -16.39
C LEU A 154 -1.06 -27.61 -14.97
N GLN A 155 -0.80 -26.57 -14.19
CA GLN A 155 -1.08 -26.56 -12.77
C GLN A 155 -2.20 -25.60 -12.50
N SER A 156 -3.22 -26.00 -11.77
CA SER A 156 -4.27 -25.06 -11.40
C SER A 156 -4.71 -25.06 -9.93
N GLY A 157 -4.81 -23.87 -9.36
CA GLY A 157 -5.24 -23.71 -7.99
C GLY A 157 -4.19 -23.83 -6.91
N ASN A 158 -2.94 -24.01 -7.32
CA ASN A 158 -1.84 -24.09 -6.39
C ASN A 158 -0.86 -22.93 -6.47
N SER A 159 -1.27 -21.86 -7.13
CA SER A 159 -0.46 -20.65 -7.23
C SER A 159 -1.24 -19.41 -6.83
N GLN A 160 -0.52 -18.41 -6.35
CA GLN A 160 -1.07 -17.12 -6.06
C GLN A 160 -0.14 -16.09 -6.64
N GLU A 161 -0.66 -14.93 -7.00
CA GLU A 161 0.19 -13.88 -7.51
C GLU A 161 -0.01 -12.51 -6.93
N SER A 162 1.05 -11.73 -6.93
CA SER A 162 1.06 -10.40 -6.42
C SER A 162 1.57 -9.47 -7.48
N VAL A 163 0.90 -8.34 -7.66
CA VAL A 163 1.31 -7.34 -8.61
C VAL A 163 1.57 -6.11 -7.79
N THR A 164 2.69 -5.45 -8.07
CA THR A 164 3.05 -4.18 -7.47
C THR A 164 2.24 -3.05 -8.10
N GLU A 165 2.19 -1.91 -7.42
CA GLU A 165 1.58 -0.73 -8.00
C GLU A 165 2.49 -0.14 -9.07
N GLN A 166 1.93 0.71 -9.93
CA GLN A 166 2.68 1.31 -11.02
C GLN A 166 3.85 2.14 -10.52
N ASP A 167 5.01 1.96 -11.13
CA ASP A 167 6.22 2.67 -10.72
C ASP A 167 6.10 4.16 -11.03
N SER A 168 6.66 4.99 -10.16
CA SER A 168 6.53 6.43 -10.31
C SER A 168 7.50 6.99 -11.34
N LYS A 169 8.54 6.24 -11.66
CA LYS A 169 9.54 6.68 -12.63
C LYS A 169 9.24 6.19 -14.05
N ASP A 170 9.21 4.88 -14.23
CA ASP A 170 9.08 4.31 -15.57
C ASP A 170 7.67 3.81 -15.89
N SER A 171 6.76 3.98 -14.93
CA SER A 171 5.35 3.62 -15.11
C SER A 171 5.12 2.17 -15.48
N THR A 172 5.94 1.27 -14.96
CA THR A 172 5.79 -0.15 -15.23
C THR A 172 5.23 -0.90 -14.03
N TYR A 173 4.88 -2.17 -14.24
CA TYR A 173 4.40 -3.03 -13.17
C TYR A 173 5.35 -4.21 -12.98
N SER A 174 5.17 -4.93 -11.87
CA SER A 174 5.93 -6.15 -11.61
C SER A 174 5.05 -7.20 -10.95
N LEU A 175 5.19 -8.45 -11.38
CA LEU A 175 4.34 -9.53 -10.88
C LEU A 175 5.19 -10.69 -10.37
N SER A 176 4.67 -11.39 -9.38
CA SER A 176 5.34 -12.58 -8.84
C SER A 176 4.32 -13.70 -8.59
N SER A 177 4.54 -14.84 -9.25
CA SER A 177 3.69 -16.00 -9.05
C SER A 177 4.38 -17.01 -8.14
N THR A 178 3.68 -17.46 -7.11
CA THR A 178 4.26 -18.40 -6.16
C THR A 178 3.52 -19.74 -6.17
N LEU A 179 4.17 -20.75 -6.73
CA LEU A 179 3.62 -22.09 -6.78
C LEU A 179 3.93 -22.83 -5.48
N THR A 180 2.89 -23.30 -4.81
CA THR A 180 3.06 -23.97 -3.51
C THR A 180 2.78 -25.47 -3.60
N LEU A 181 3.83 -26.26 -3.44
CA LEU A 181 3.72 -27.71 -3.42
C LEU A 181 4.28 -28.29 -2.12
N SER A 182 3.75 -29.44 -1.71
CA SER A 182 4.30 -30.14 -0.57
C SER A 182 5.65 -30.73 -0.96
N LYS A 183 6.49 -31.03 0.03
CA LYS A 183 7.82 -31.56 -0.25
C LYS A 183 7.74 -32.89 -0.99
N ALA A 184 6.73 -33.69 -0.66
CA ALA A 184 6.52 -34.99 -1.28
C ALA A 184 6.29 -34.85 -2.78
N ASP A 185 5.32 -34.02 -3.15
CA ASP A 185 4.97 -33.81 -4.55
C ASP A 185 6.10 -33.13 -5.32
N TYR A 186 6.90 -32.34 -4.63
CA TYR A 186 8.01 -31.64 -5.27
C TYR A 186 9.12 -32.62 -5.68
N GLU A 187 9.43 -33.56 -4.79
CA GLU A 187 10.52 -34.51 -5.01
C GLU A 187 10.17 -35.55 -6.08
N LYS A 188 8.89 -35.74 -6.34
CA LYS A 188 8.44 -36.75 -7.30
C LYS A 188 8.68 -36.32 -8.74
N HIS A 189 8.61 -35.02 -9.00
CA HIS A 189 8.74 -34.50 -10.36
C HIS A 189 10.12 -33.89 -10.60
N LYS A 190 10.40 -33.59 -11.87
CA LYS A 190 11.72 -33.10 -12.26
C LYS A 190 11.68 -31.68 -12.84
N VAL A 191 10.83 -31.48 -13.83
CA VAL A 191 10.81 -30.23 -14.57
C VAL A 191 9.77 -29.24 -14.05
N TYR A 192 10.22 -28.02 -13.76
CA TYR A 192 9.33 -26.96 -13.29
C TYR A 192 9.47 -25.73 -14.18
N ALA A 193 8.45 -25.48 -14.99
CA ALA A 193 8.50 -24.40 -15.97
C ALA A 193 7.55 -23.27 -15.63
N CYS A 194 7.95 -22.05 -15.96
CA CYS A 194 7.10 -20.86 -15.78
C CYS A 194 6.87 -20.20 -17.12
N GLU A 195 5.65 -20.31 -17.64
CA GLU A 195 5.32 -19.77 -18.95
C GLU A 195 4.60 -18.43 -18.84
N VAL A 196 5.10 -17.44 -19.58
CA VAL A 196 4.57 -16.09 -19.50
C VAL A 196 4.06 -15.58 -20.84
N THR A 197 2.84 -15.06 -20.86
CA THR A 197 2.27 -14.47 -22.05
C THR A 197 1.95 -12.99 -21.83
N HIS A 198 2.51 -12.11 -22.64
CA HIS A 198 2.29 -10.68 -22.49
C HIS A 198 2.22 -10.03 -23.87
N GLN A 199 1.59 -8.88 -23.97
CA GLN A 199 1.41 -8.21 -25.25
C GLN A 199 2.71 -7.72 -25.86
N GLY A 200 3.75 -7.64 -25.05
CA GLY A 200 5.05 -7.21 -25.49
C GLY A 200 5.95 -8.33 -25.97
N LEU A 201 5.46 -9.55 -25.95
CA LEU A 201 6.24 -10.68 -26.39
C LEU A 201 5.61 -11.35 -27.60
N SER A 202 6.40 -11.63 -28.62
CA SER A 202 5.93 -12.31 -29.81
C SER A 202 5.47 -13.73 -29.56
N SER A 203 6.18 -14.45 -28.73
CA SER A 203 5.76 -15.79 -28.37
C SER A 203 6.00 -15.99 -26.91
N PRO A 204 5.19 -16.97 -26.31
CA PRO A 204 5.35 -17.05 -24.86
C PRO A 204 6.76 -17.38 -24.42
N VAL A 205 7.20 -16.80 -23.32
CA VAL A 205 8.52 -17.04 -22.79
C VAL A 205 8.47 -17.94 -21.56
N THR A 206 9.33 -18.94 -21.54
CA THR A 206 9.36 -19.93 -20.49
C THR A 206 10.70 -19.95 -19.79
N LYS A 207 10.66 -19.95 -18.47
CA LYS A 207 11.84 -20.11 -17.66
C LYS A 207 11.61 -21.37 -16.90
N SER A 208 12.57 -22.25 -16.89
CA SER A 208 12.42 -23.53 -16.22
C SER A 208 13.71 -24.03 -15.59
N PHE A 209 13.57 -24.93 -14.63
CA PHE A 209 14.73 -25.55 -13.99
C PHE A 209 14.45 -27.02 -13.70
N ASN A 210 15.51 -27.80 -13.52
CA ASN A 210 15.38 -29.20 -13.15
C ASN A 210 15.68 -29.38 -11.68
N ARG A 211 14.81 -30.11 -10.97
CA ARG A 211 14.94 -30.28 -9.54
C ARG A 211 16.27 -30.95 -9.16
N GLY A 212 17.05 -30.27 -8.32
CA GLY A 212 18.33 -30.78 -7.88
C GLY A 212 19.36 -30.82 -9.00
N GLU A 213 19.47 -29.71 -9.72
CA GLU A 213 20.40 -29.63 -10.84
C GLU A 213 21.53 -28.65 -10.54
N GLN B 1 6.89 22.44 10.31
CA GLN B 1 7.18 21.02 10.39
C GLN B 1 6.50 20.37 11.59
N VAL B 2 5.21 20.07 11.44
CA VAL B 2 4.44 19.41 12.49
C VAL B 2 4.62 17.91 12.41
N GLN B 3 4.81 17.26 13.55
CA GLN B 3 5.01 15.82 13.60
C GLN B 3 3.86 15.11 14.30
N LEU B 4 3.39 14.03 13.68
CA LEU B 4 2.33 13.22 14.28
C LEU B 4 2.78 11.77 14.44
N GLN B 5 2.82 11.32 15.69
CA GLN B 5 3.22 9.95 16.01
C GLN B 5 2.07 9.23 16.71
N GLN B 6 1.76 8.02 16.25
CA GLN B 6 0.66 7.26 16.83
C GLN B 6 1.06 5.82 17.14
N TRP B 7 0.27 5.18 18.00
CA TRP B 7 0.53 3.81 18.43
C TRP B 7 -0.76 3.13 18.87
N GLY B 8 -0.68 1.86 19.22
CA GLY B 8 -1.87 1.15 19.62
C GLY B 8 -1.68 -0.28 19.28
N ALA B 9 -2.70 -1.09 19.47
CA ALA B 9 -2.62 -2.48 19.16
C ALA B 9 -3.21 -2.74 17.81
N GLY B 10 -2.47 -3.38 16.93
CA GLY B 10 -2.96 -3.69 15.62
C GLY B 10 -3.67 -5.02 15.43
N LEU B 11 -3.69 -5.83 16.47
CA LEU B 11 -4.38 -7.10 16.42
C LEU B 11 -5.34 -7.18 17.56
N LEU B 12 -6.61 -7.44 17.25
CA LEU B 12 -7.68 -7.63 18.21
C LEU B 12 -8.53 -8.84 17.88
N LYS B 13 -9.10 -9.45 18.91
CA LYS B 13 -10.10 -10.49 18.72
C LYS B 13 -11.44 -9.79 18.52
N PRO B 14 -12.39 -10.48 17.86
CA PRO B 14 -13.72 -9.88 17.68
C PRO B 14 -14.39 -9.57 19.02
N SER B 15 -15.37 -8.65 19.00
CA SER B 15 -16.12 -8.22 20.18
C SER B 15 -15.26 -7.46 21.19
N GLU B 16 -13.98 -7.26 20.88
CA GLU B 16 -13.11 -6.48 21.76
C GLU B 16 -13.21 -5.00 21.43
N THR B 17 -12.40 -4.19 22.09
CA THR B 17 -12.45 -2.74 21.89
C THR B 17 -11.11 -2.19 21.40
N LEU B 18 -11.16 -1.48 20.28
CA LEU B 18 -9.98 -0.90 19.67
C LEU B 18 -9.55 0.36 20.41
N SER B 19 -8.26 0.47 20.70
CA SER B 19 -7.73 1.65 21.36
C SER B 19 -6.47 2.17 20.65
N LEU B 20 -6.51 3.42 20.22
CA LEU B 20 -5.37 4.05 19.56
C LEU B 20 -5.13 5.44 20.12
N THR B 21 -3.87 5.89 20.06
CA THR B 21 -3.51 7.21 20.56
C THR B 21 -2.57 7.93 19.60
N CYS B 22 -2.87 9.19 19.31
CA CYS B 22 -2.03 10.01 18.45
C CYS B 22 -1.33 11.09 19.27
N ALA B 23 -0.13 11.49 18.85
CA ALA B 23 0.65 12.46 19.59
C ALA B 23 1.13 13.62 18.72
N VAL B 24 0.64 14.82 19.03
CA VAL B 24 1.12 16.03 18.36
C VAL B 24 2.37 16.51 19.08
N TYR B 25 3.35 16.83 18.23
CA TYR B 25 4.69 17.14 18.65
C TYR B 25 5.26 18.54 18.37
N ASN B 26 4.91 19.18 17.26
CA ASN B 26 5.48 20.52 16.99
C ASN B 26 4.49 21.66 16.84
N GLU B 27 3.33 21.53 17.46
CA GLU B 27 2.32 22.55 17.36
C GLU B 27 1.36 22.59 18.51
N SER B 28 0.59 23.66 18.55
CA SER B 28 -0.46 23.83 19.54
C SER B 28 -1.72 22.99 19.31
N LEU B 29 -2.18 22.36 20.39
CA LEU B 29 -3.43 21.63 20.40
C LEU B 29 -4.61 22.55 20.21
N SER B 30 -4.50 23.72 20.80
CA SER B 30 -5.57 24.70 20.78
C SER B 30 -5.89 25.23 19.41
N ALA B 31 -4.88 25.40 18.59
CA ALA B 31 -5.00 25.97 17.27
C ALA B 31 -5.88 25.16 16.34
N PHE B 32 -5.80 23.84 16.45
CA PHE B 32 -6.45 22.98 15.50
C PHE B 32 -7.38 21.97 16.14
N SER B 33 -8.30 21.46 15.33
CA SER B 33 -9.10 20.31 15.71
C SER B 33 -8.41 19.04 15.21
N TRP B 34 -8.62 17.93 15.89
CA TRP B 34 -7.91 16.72 15.58
C TRP B 34 -8.83 15.56 15.25
N SER B 35 -8.61 14.91 14.12
CA SER B 35 -9.55 13.92 13.62
C SER B 35 -8.98 12.55 13.37
N TRP B 36 -9.84 11.55 13.41
CA TRP B 36 -9.43 10.19 13.19
C TRP B 36 -9.99 9.67 11.88
N ILE B 37 -9.15 9.08 11.05
CA ILE B 37 -9.59 8.59 9.75
C ILE B 37 -9.10 7.17 9.52
N ARG B 38 -9.94 6.33 8.94
CA ARG B 38 -9.54 4.96 8.63
C ARG B 38 -9.71 4.65 7.14
N GLN B 39 -8.90 3.73 6.63
CA GLN B 39 -8.93 3.37 5.22
C GLN B 39 -9.05 1.86 5.03
N PHE B 40 -10.19 1.43 4.51
CA PHE B 40 -10.47 0.01 4.32
C PHE B 40 -9.59 -0.58 3.22
N PRO B 41 -9.33 -1.91 3.28
CA PRO B 41 -8.48 -2.61 2.31
C PRO B 41 -8.85 -2.35 0.87
N GLY B 42 -7.98 -1.64 0.15
CA GLY B 42 -8.22 -1.32 -1.25
C GLY B 42 -9.48 -0.50 -1.45
N GLN B 43 -9.86 0.26 -0.44
CA GLN B 43 -11.06 1.09 -0.50
C GLN B 43 -10.78 2.56 -0.24
N GLY B 44 -11.85 3.33 -0.11
CA GLY B 44 -11.75 4.76 0.14
C GLY B 44 -11.55 5.07 1.60
N LEU B 45 -11.80 6.32 1.97
CA LEU B 45 -11.55 6.80 3.32
C LEU B 45 -12.84 7.09 4.07
N GLU B 46 -12.85 6.83 5.37
CA GLU B 46 -14.00 7.13 6.21
C GLU B 46 -13.60 8.00 7.40
N TRP B 47 -14.34 9.08 7.61
CA TRP B 47 -14.08 9.97 8.73
C TRP B 47 -14.72 9.43 10.00
N ILE B 48 -13.92 9.31 11.05
CA ILE B 48 -14.38 8.71 12.30
C ILE B 48 -14.93 9.76 13.28
N GLY B 49 -14.14 10.78 13.57
CA GLY B 49 -14.56 11.83 14.48
C GLY B 49 -13.46 12.81 14.83
N GLU B 50 -13.81 14.00 15.30
CA GLU B 50 -12.83 15.01 15.64
C GLU B 50 -12.96 15.48 17.07
N ILE B 51 -11.90 16.07 17.61
CA ILE B 51 -11.93 16.65 18.94
C ILE B 51 -11.12 17.95 19.07
N ASP B 52 -11.58 18.88 19.91
CA ASP B 52 -10.88 20.13 20.25
C ASP B 52 -10.13 19.98 21.53
N HIS B 53 -9.36 21.00 21.87
CA HIS B 53 -8.73 21.08 23.17
C HIS B 53 -9.76 21.20 24.28
N THR B 54 -10.87 21.84 24.01
CA THR B 54 -11.99 21.76 24.90
C THR B 54 -12.45 20.33 24.74
N THR B 55 -13.21 19.78 25.67
CA THR B 55 -13.51 18.37 25.63
C THR B 55 -14.28 17.99 24.38
N SER B 56 -14.85 18.97 23.69
CA SER B 56 -15.88 18.74 22.67
C SER B 56 -15.48 17.95 21.45
N SER B 57 -16.30 16.96 21.12
CA SER B 57 -16.03 16.06 20.03
C SER B 57 -17.26 15.89 19.20
N ASN B 58 -17.03 15.61 17.93
CA ASN B 58 -18.08 15.39 16.97
C ASN B 58 -17.78 14.06 16.34
N TYR B 59 -18.80 13.29 16.07
CA TYR B 59 -18.62 11.93 15.56
C TYR B 59 -19.35 11.73 14.25
N ASN B 60 -18.97 10.69 13.53
CA ASN B 60 -19.72 10.26 12.39
C ASN B 60 -21.02 9.62 12.79
N PRO B 61 -22.13 9.98 12.00
CA PRO B 61 -23.40 9.40 12.46
C PRO B 61 -23.50 7.87 12.53
N SER B 62 -22.87 7.17 11.60
CA SER B 62 -22.82 5.71 11.55
C SER B 62 -22.14 5.08 12.75
N LEU B 63 -21.07 5.72 13.22
CA LEU B 63 -20.28 5.22 14.32
C LEU B 63 -20.54 5.94 15.64
N LYS B 64 -21.57 6.75 15.70
CA LYS B 64 -21.78 7.64 16.85
C LYS B 64 -21.93 6.84 18.14
N ARG B 65 -22.58 5.70 18.05
CA ARG B 65 -22.89 4.88 19.21
C ARG B 65 -21.83 3.86 19.57
N ARG B 66 -20.76 3.78 18.79
CA ARG B 66 -19.62 2.96 19.18
C ARG B 66 -18.30 3.68 19.34
N ILE B 67 -18.30 5.00 19.50
CA ILE B 67 -17.05 5.75 19.51
C ILE B 67 -16.81 6.54 20.78
N ASN B 68 -15.59 6.53 21.26
CA ASN B 68 -15.15 7.51 22.22
C ASN B 68 -13.88 8.17 21.75
N ILE B 69 -13.83 9.49 21.83
CA ILE B 69 -12.62 10.25 21.50
C ILE B 69 -12.32 11.26 22.61
N SER B 70 -11.08 11.26 23.08
CA SER B 70 -10.68 12.12 24.18
C SER B 70 -9.39 12.87 23.88
N ILE B 71 -9.12 13.92 24.66
CA ILE B 71 -7.87 14.66 24.53
C ILE B 71 -7.19 14.83 25.88
N ASP B 72 -5.94 14.43 25.97
CA ASP B 72 -5.20 14.63 27.19
C ASP B 72 -4.26 15.76 26.91
N THR B 73 -4.66 16.95 27.30
CA THR B 73 -3.98 18.16 26.92
C THR B 73 -2.66 18.35 27.60
N SER B 74 -2.45 17.67 28.71
CA SER B 74 -1.17 17.67 29.35
C SER B 74 -0.11 17.01 28.48
N LYS B 75 -0.43 15.87 27.89
CA LYS B 75 0.52 15.15 27.05
C LYS B 75 0.43 15.57 25.60
N LYS B 76 -0.55 16.40 25.28
CA LYS B 76 -0.77 16.78 23.91
C LYS B 76 -1.07 15.60 23.00
N GLN B 77 -1.90 14.70 23.51
CA GLN B 77 -2.29 13.50 22.82
C GLN B 77 -3.80 13.45 22.73
N PHE B 78 -4.34 12.78 21.71
CA PHE B 78 -5.76 12.50 21.60
C PHE B 78 -5.97 11.05 21.18
N SER B 79 -6.97 10.39 21.79
CA SER B 79 -7.16 8.96 21.63
C SER B 79 -8.46 8.61 20.93
N LEU B 80 -8.55 7.36 20.48
CA LEU B 80 -9.73 6.87 19.76
C LEU B 80 -10.09 5.47 20.24
N LYS B 81 -11.36 5.26 20.57
CA LYS B 81 -11.82 3.95 20.99
C LYS B 81 -13.02 3.47 20.17
N LEU B 82 -12.95 2.22 19.72
CA LEU B 82 -14.03 1.61 18.95
C LEU B 82 -14.49 0.31 19.63
N TYR B 83 -15.73 0.30 20.10
CA TYR B 83 -16.25 -0.82 20.88
C TYR B 83 -16.89 -1.90 20.02
N SER B 84 -16.96 -3.11 20.56
CA SER B 84 -17.54 -4.27 19.87
C SER B 84 -16.96 -4.41 18.46
N VAL B 85 -15.64 -4.49 18.38
CA VAL B 85 -14.94 -4.49 17.10
C VAL B 85 -15.29 -5.72 16.26
N THR B 86 -15.21 -5.57 14.95
CA THR B 86 -15.50 -6.66 14.03
C THR B 86 -14.51 -6.60 12.86
N ALA B 87 -14.50 -7.64 12.03
CA ALA B 87 -13.59 -7.69 10.89
C ALA B 87 -13.87 -6.55 9.91
N ALA B 88 -15.08 -6.01 9.96
CA ALA B 88 -15.45 -4.87 9.12
C ALA B 88 -14.75 -3.60 9.57
N ASP B 89 -14.17 -3.64 10.77
CA ASP B 89 -13.44 -2.49 11.32
C ASP B 89 -11.96 -2.61 11.02
N THR B 90 -11.57 -3.64 10.29
CA THR B 90 -10.17 -3.82 9.91
C THR B 90 -9.78 -2.82 8.84
N ALA B 91 -8.89 -1.90 9.20
CA ALA B 91 -8.43 -0.85 8.30
C ALA B 91 -7.16 -0.19 8.82
N VAL B 92 -6.66 0.80 8.07
CA VAL B 92 -5.51 1.57 8.52
C VAL B 92 -5.97 2.91 9.08
N TYR B 93 -5.76 3.10 10.38
CA TYR B 93 -6.27 4.28 11.07
C TYR B 93 -5.23 5.39 11.11
N TYR B 94 -5.64 6.60 10.74
CA TYR B 94 -4.72 7.72 10.60
C TYR B 94 -5.02 8.88 11.56
N CYS B 95 -3.96 9.48 12.09
CA CYS B 95 -4.07 10.77 12.78
C CYS B 95 -4.05 11.87 11.73
N ALA B 96 -4.65 13.01 12.05
CA ALA B 96 -4.68 14.13 11.12
C ALA B 96 -4.96 15.45 11.83
N ARG B 97 -4.48 16.54 11.23
CA ARG B 97 -4.77 17.88 11.74
C ARG B 97 -5.94 18.48 10.97
N GLY B 98 -7.03 18.75 11.68
CA GLY B 98 -8.24 19.25 11.05
C GLY B 98 -8.27 20.76 10.87
N GLY B 99 -9.43 21.34 11.18
CA GLY B 99 -9.64 22.77 10.98
C GLY B 99 -8.77 23.66 11.86
N ARG B 100 -8.68 24.93 11.48
CA ARG B 100 -7.88 25.90 12.21
C ARG B 100 -8.74 26.77 13.12
N LYS B 101 -8.28 27.08 14.32
CA LYS B 101 -9.11 27.94 15.13
C LYS B 101 -9.04 29.33 14.56
N VAL B 102 -10.19 29.91 14.26
CA VAL B 102 -10.28 31.25 13.75
C VAL B 102 -11.24 32.02 14.64
N TYR B 103 -10.79 33.15 15.15
CA TYR B 103 -11.58 33.95 16.06
C TYR B 103 -12.24 35.13 15.39
N HIS B 104 -12.13 35.23 14.09
CA HIS B 104 -12.63 36.40 13.37
C HIS B 104 -13.65 36.07 12.28
N ALA B 105 -14.65 36.91 12.08
CA ALA B 105 -14.79 38.16 12.82
C ALA B 105 -16.19 38.38 13.36
N TYR B 106 -16.61 37.55 14.31
CA TYR B 106 -15.87 36.39 14.76
C TYR B 106 -16.72 35.13 14.72
N TRP B 107 -16.26 34.11 14.00
CA TRP B 107 -16.82 32.76 14.09
C TRP B 107 -16.54 32.11 15.42
N SER B 108 -15.31 32.27 15.90
CA SER B 108 -14.79 31.50 17.02
C SER B 108 -14.92 30.01 16.79
N GLY B 109 -14.62 29.56 15.58
CA GLY B 109 -14.81 28.18 15.20
C GLY B 109 -13.67 27.64 14.38
N TYR B 110 -13.64 26.34 14.15
CA TYR B 110 -12.63 25.78 13.25
C TYR B 110 -13.14 25.79 11.81
N VAL B 111 -12.29 26.28 10.90
CA VAL B 111 -12.76 26.61 9.55
C VAL B 111 -12.46 25.55 8.49
N ASN B 112 -11.20 25.35 8.12
CA ASN B 112 -10.92 24.44 7.00
C ASN B 112 -10.74 23.01 7.47
N ASN B 113 -11.83 22.27 7.54
CA ASN B 113 -11.78 20.95 8.11
C ASN B 113 -11.37 19.93 7.07
N CYS B 114 -10.12 20.03 6.66
CA CYS B 114 -9.51 19.06 5.79
C CYS B 114 -8.18 18.74 6.38
N PHE B 115 -7.64 17.58 6.04
CA PHE B 115 -6.62 16.97 6.86
C PHE B 115 -5.22 16.98 6.27
N ASP B 116 -4.36 17.77 6.89
CA ASP B 116 -2.94 17.81 6.64
C ASP B 116 -2.35 18.44 7.90
N PRO B 117 -1.19 17.91 8.51
CA PRO B 117 -0.70 16.64 7.96
C PRO B 117 -1.41 15.40 8.48
N TRP B 118 -1.13 14.29 7.86
CA TRP B 118 -1.63 13.00 8.31
C TRP B 118 -0.66 12.29 9.21
N GLY B 119 -1.20 11.37 9.99
CA GLY B 119 -0.42 10.45 10.77
C GLY B 119 0.16 9.39 9.87
N GLN B 120 1.15 8.69 10.39
CA GLN B 120 1.77 7.56 9.74
C GLN B 120 0.84 6.40 9.52
N GLY B 121 0.02 6.09 10.50
CA GLY B 121 -0.98 5.06 10.29
C GLY B 121 -0.75 3.85 11.16
N THR B 122 -1.84 3.20 11.56
CA THR B 122 -1.76 1.99 12.35
C THR B 122 -2.72 0.93 11.82
N LEU B 123 -2.18 -0.11 11.20
CA LEU B 123 -3.00 -1.16 10.63
C LEU B 123 -3.57 -2.08 11.70
N VAL B 124 -4.86 -1.96 11.94
CA VAL B 124 -5.54 -2.78 12.93
C VAL B 124 -6.20 -3.98 12.27
N THR B 125 -5.83 -5.17 12.72
CA THR B 125 -6.38 -6.40 12.15
C THR B 125 -7.29 -7.11 13.16
N VAL B 126 -8.56 -7.28 12.80
CA VAL B 126 -9.51 -7.93 13.68
C VAL B 126 -9.65 -9.41 13.34
N SER B 127 -8.95 -10.24 14.11
CA SER B 127 -8.97 -11.69 13.91
C SER B 127 -8.67 -12.42 15.22
N SER B 128 -9.12 -13.66 15.31
CA SER B 128 -8.88 -14.47 16.49
C SER B 128 -7.64 -15.34 16.33
N ALA B 129 -7.03 -15.26 15.17
CA ALA B 129 -5.79 -15.98 14.91
C ALA B 129 -4.68 -15.39 15.73
N SER B 130 -3.76 -16.24 16.18
CA SER B 130 -2.63 -15.78 16.96
C SER B 130 -1.44 -15.36 16.13
N THR B 131 -0.64 -14.47 16.68
CA THR B 131 0.51 -13.99 15.95
C THR B 131 1.59 -15.05 15.75
N LYS B 132 2.21 -15.01 14.57
CA LYS B 132 3.25 -15.92 14.19
C LYS B 132 4.40 -15.17 13.61
N GLY B 133 5.60 -15.54 13.98
CA GLY B 133 6.77 -14.99 13.30
C GLY B 133 6.98 -15.62 11.93
N PRO B 134 7.61 -14.87 11.02
CA PRO B 134 7.86 -15.31 9.64
C PRO B 134 9.12 -16.15 9.48
N SER B 135 9.16 -16.95 8.42
CA SER B 135 10.38 -17.66 8.02
C SER B 135 10.93 -17.02 6.76
N VAL B 136 12.24 -16.78 6.73
CA VAL B 136 12.85 -16.13 5.58
C VAL B 136 13.71 -17.12 4.79
N PHE B 137 13.38 -17.26 3.50
CA PHE B 137 14.13 -18.14 2.62
C PHE B 137 14.74 -17.36 1.46
N PRO B 138 15.93 -17.76 1.01
CA PRO B 138 16.62 -17.05 -0.07
C PRO B 138 16.08 -17.39 -1.45
N LEU B 139 15.93 -16.38 -2.29
CA LEU B 139 15.49 -16.58 -3.64
C LEU B 139 16.73 -16.41 -4.44
N ALA B 140 17.50 -17.48 -4.51
CA ALA B 140 18.83 -17.41 -5.02
C ALA B 140 18.87 -17.07 -6.48
N PRO B 141 19.94 -16.42 -6.90
CA PRO B 141 20.11 -16.07 -8.31
C PRO B 141 20.79 -17.16 -9.13
N SER B 142 20.10 -17.60 -10.17
CA SER B 142 20.61 -18.61 -11.06
C SER B 142 21.85 -18.09 -11.76
N SER B 143 21.80 -16.81 -12.09
CA SER B 143 22.70 -16.21 -13.05
C SER B 143 24.16 -16.29 -12.68
N LYS B 144 24.95 -16.64 -13.68
CA LYS B 144 26.38 -16.71 -13.54
C LYS B 144 26.89 -15.30 -13.39
N SER B 145 27.96 -15.16 -12.63
CA SER B 145 28.53 -13.86 -12.35
C SER B 145 28.99 -13.22 -13.66
N THR B 146 29.48 -14.02 -14.58
CA THR B 146 30.06 -13.53 -15.83
C THR B 146 29.16 -13.48 -17.07
N SER B 147 27.86 -13.64 -16.89
CA SER B 147 26.91 -13.56 -17.98
C SER B 147 27.01 -12.17 -18.59
N GLY B 148 27.23 -11.17 -17.75
CA GLY B 148 27.46 -9.81 -18.18
C GLY B 148 26.26 -8.92 -18.40
N GLY B 149 25.07 -9.39 -18.00
CA GLY B 149 23.86 -8.59 -18.02
C GLY B 149 23.33 -8.31 -16.63
N THR B 150 22.02 -8.32 -16.51
CA THR B 150 21.34 -8.14 -15.23
C THR B 150 20.87 -9.47 -14.57
N ALA B 151 20.99 -9.54 -13.26
CA ALA B 151 20.60 -10.73 -12.51
C ALA B 151 19.62 -10.35 -11.42
N ALA B 152 18.74 -11.28 -11.05
CA ALA B 152 17.75 -11.03 -10.01
C ALA B 152 17.83 -12.03 -8.87
N LEU B 153 17.78 -11.51 -7.64
CA LEU B 153 17.75 -12.34 -6.45
C LEU B 153 16.75 -11.75 -5.45
N GLY B 154 16.43 -12.49 -4.40
CA GLY B 154 15.49 -11.98 -3.42
C GLY B 154 15.29 -12.81 -2.17
N CYS B 155 14.34 -12.39 -1.34
CA CYS B 155 14.00 -13.09 -0.11
C CYS B 155 12.51 -13.45 -0.07
N LEU B 156 12.22 -14.64 0.45
CA LEU B 156 10.83 -15.08 0.59
C LEU B 156 10.41 -15.07 2.05
N VAL B 157 9.49 -14.19 2.40
CA VAL B 157 8.95 -14.11 3.75
C VAL B 157 7.67 -14.92 3.86
N LYS B 158 7.74 -16.09 4.49
CA LYS B 158 6.63 -17.03 4.46
C LYS B 158 5.99 -17.25 5.83
N ASP B 159 4.66 -17.40 5.81
CA ASP B 159 3.88 -17.82 6.97
C ASP B 159 4.05 -16.93 8.20
N TYR B 160 3.41 -15.78 8.20
CA TYR B 160 3.40 -14.90 9.34
C TYR B 160 2.04 -14.26 9.50
N PHE B 161 1.73 -13.80 10.69
CA PHE B 161 0.51 -13.10 10.96
C PHE B 161 0.87 -12.15 12.09
N PRO B 162 0.19 -10.94 12.28
CA PRO B 162 -0.43 -10.41 11.07
C PRO B 162 0.49 -9.52 10.25
N GLU B 163 -0.11 -8.66 9.45
CA GLU B 163 0.60 -7.60 8.74
C GLU B 163 0.97 -6.50 9.71
N PRO B 164 2.06 -5.64 9.45
CA PRO B 164 2.80 -5.89 8.23
C PRO B 164 4.21 -6.41 8.42
N VAL B 165 4.94 -6.60 7.32
CA VAL B 165 6.34 -6.96 7.41
C VAL B 165 7.15 -6.05 6.49
N THR B 166 8.13 -5.36 7.06
CA THR B 166 8.98 -4.46 6.27
C THR B 166 10.28 -5.15 5.89
N VAL B 167 10.67 -5.02 4.63
CA VAL B 167 11.88 -5.63 4.13
C VAL B 167 12.82 -4.59 3.54
N SER B 168 14.06 -4.56 4.03
CA SER B 168 15.08 -3.69 3.47
C SER B 168 16.28 -4.54 3.05
N TRP B 169 17.13 -3.98 2.19
CA TRP B 169 18.32 -4.68 1.72
C TRP B 169 19.59 -3.97 2.16
N ASN B 170 20.49 -4.71 2.79
CA ASN B 170 21.73 -4.16 3.34
C ASN B 170 21.46 -2.94 4.23
N SER B 171 20.45 -3.07 5.09
CA SER B 171 20.05 -2.03 6.04
C SER B 171 19.61 -0.74 5.35
N GLY B 172 19.37 -0.80 4.04
CA GLY B 172 18.93 0.35 3.28
C GLY B 172 20.02 0.96 2.44
N ALA B 173 21.14 0.28 2.35
CA ALA B 173 22.21 0.76 1.52
C ALA B 173 21.77 0.69 0.08
N LEU B 174 20.99 -0.35 -0.22
CA LEU B 174 20.53 -0.62 -1.55
C LEU B 174 19.05 -0.44 -1.64
N THR B 175 18.62 0.53 -2.41
CA THR B 175 17.21 0.75 -2.60
C THR B 175 16.79 0.73 -4.05
N SER B 176 17.75 0.80 -4.96
CA SER B 176 17.50 0.90 -6.38
C SER B 176 17.22 -0.43 -7.04
N GLY B 177 16.17 -0.50 -7.87
CA GLY B 177 15.78 -1.76 -8.47
C GLY B 177 15.23 -2.78 -7.48
N VAL B 178 14.66 -2.28 -6.39
CA VAL B 178 14.09 -3.17 -5.36
C VAL B 178 12.57 -3.21 -5.44
N HIS B 179 12.03 -4.41 -5.57
CA HIS B 179 10.58 -4.61 -5.60
C HIS B 179 10.11 -5.48 -4.45
N THR B 180 9.30 -4.90 -3.56
CA THR B 180 8.66 -5.66 -2.49
C THR B 180 7.17 -5.79 -2.76
N PHE B 181 6.74 -6.98 -3.13
CA PHE B 181 5.35 -7.24 -3.49
C PHE B 181 4.44 -7.21 -2.26
N PRO B 182 3.20 -6.73 -2.45
CA PRO B 182 2.20 -6.78 -1.38
C PRO B 182 1.91 -8.22 -0.97
N ALA B 183 1.79 -8.46 0.33
CA ALA B 183 1.59 -9.81 0.84
C ALA B 183 0.29 -10.42 0.36
N VAL B 184 0.25 -11.76 0.31
CA VAL B 184 -0.96 -12.47 -0.06
C VAL B 184 -1.41 -13.37 1.09
N LEU B 185 -2.71 -13.36 1.36
CA LEU B 185 -3.26 -14.17 2.45
C LEU B 185 -3.50 -15.60 1.97
N GLN B 186 -2.64 -16.51 2.41
CA GLN B 186 -2.72 -17.91 2.01
C GLN B 186 -3.94 -18.61 2.58
N SER B 187 -4.18 -19.85 2.14
CA SER B 187 -5.32 -20.61 2.62
C SER B 187 -5.13 -21.05 4.06
N SER B 188 -3.90 -21.00 4.54
CA SER B 188 -3.58 -21.39 5.90
C SER B 188 -3.92 -20.27 6.89
N GLY B 189 -4.26 -19.10 6.36
CA GLY B 189 -4.57 -17.95 7.19
C GLY B 189 -3.33 -17.15 7.52
N LEU B 190 -2.21 -17.55 6.94
CA LEU B 190 -0.94 -16.87 7.17
C LEU B 190 -0.51 -16.09 5.94
N TYR B 191 0.09 -14.92 6.16
CA TYR B 191 0.52 -14.05 5.07
C TYR B 191 1.87 -14.46 4.50
N SER B 192 2.11 -14.07 3.25
CA SER B 192 3.37 -14.38 2.57
C SER B 192 3.67 -13.34 1.50
N LEU B 193 4.91 -12.85 1.48
CA LEU B 193 5.36 -11.95 0.43
C LEU B 193 6.81 -12.24 0.08
N SER B 194 7.26 -11.70 -1.04
CA SER B 194 8.65 -11.85 -1.46
C SER B 194 9.21 -10.51 -1.92
N SER B 195 10.46 -10.24 -1.57
CA SER B 195 11.13 -9.02 -2.00
C SER B 195 12.28 -9.35 -2.93
N VAL B 196 12.20 -8.88 -4.17
CA VAL B 196 13.24 -9.15 -5.16
C VAL B 196 13.99 -7.88 -5.52
N VAL B 197 15.19 -8.05 -6.07
CA VAL B 197 16.00 -6.92 -6.50
C VAL B 197 16.90 -7.31 -7.68
N THR B 198 16.93 -6.47 -8.70
CA THR B 198 17.75 -6.73 -9.87
C THR B 198 19.10 -6.01 -9.78
N VAL B 199 20.18 -6.78 -9.84
CA VAL B 199 21.52 -6.24 -9.73
C VAL B 199 22.39 -6.71 -10.90
N PRO B 200 23.47 -5.97 -11.20
CA PRO B 200 24.42 -6.41 -12.23
C PRO B 200 24.99 -7.79 -11.93
N SER B 201 25.11 -8.62 -12.97
CA SER B 201 25.55 -10.01 -12.80
C SER B 201 27.01 -10.11 -12.40
N SER B 202 27.76 -9.03 -12.62
CA SER B 202 29.20 -9.03 -12.34
C SER B 202 29.51 -8.73 -10.88
N SER B 203 28.46 -8.58 -10.06
CA SER B 203 28.65 -8.27 -8.65
C SER B 203 28.11 -9.38 -7.74
N LEU B 204 27.82 -10.53 -8.34
CA LEU B 204 27.31 -11.67 -7.57
C LEU B 204 28.46 -12.42 -6.88
N GLY B 205 29.68 -12.01 -7.17
CA GLY B 205 30.85 -12.64 -6.59
C GLY B 205 31.63 -11.72 -5.67
N THR B 206 31.28 -10.43 -5.69
CA THR B 206 31.95 -9.45 -4.85
C THR B 206 31.01 -8.91 -3.77
N GLN B 207 29.94 -8.25 -4.21
CA GLN B 207 28.98 -7.66 -3.30
C GLN B 207 28.19 -8.72 -2.53
N THR B 208 28.01 -8.49 -1.24
CA THR B 208 27.21 -9.37 -0.40
C THR B 208 25.80 -8.79 -0.23
N TYR B 209 24.79 -9.59 -0.57
CA TYR B 209 23.41 -9.14 -0.49
C TYR B 209 22.68 -9.77 0.69
N ILE B 210 22.19 -8.91 1.58
CA ILE B 210 21.46 -9.36 2.77
C ILE B 210 20.12 -8.63 2.88
N CYS B 211 19.03 -9.38 2.99
CA CYS B 211 17.72 -8.77 3.18
C CYS B 211 17.39 -8.69 4.66
N ASN B 212 16.76 -7.59 5.07
CA ASN B 212 16.43 -7.37 6.46
C ASN B 212 14.92 -7.43 6.69
N VAL B 213 14.46 -8.53 7.27
CA VAL B 213 13.04 -8.75 7.49
C VAL B 213 12.66 -8.45 8.93
N ASN B 214 11.68 -7.56 9.11
CA ASN B 214 11.21 -7.21 10.44
C ASN B 214 9.71 -7.48 10.61
N HIS B 215 9.33 -8.13 11.69
CA HIS B 215 7.94 -8.30 11.99
C HIS B 215 7.74 -7.79 13.39
N LYS B 216 7.14 -6.62 13.54
CA LYS B 216 6.98 -6.01 14.84
C LYS B 216 6.05 -6.77 15.75
N PRO B 217 4.92 -7.35 15.14
CA PRO B 217 4.04 -8.03 16.08
C PRO B 217 4.70 -9.15 16.86
N SER B 218 5.56 -9.93 16.24
CA SER B 218 6.22 -11.02 16.92
C SER B 218 7.58 -10.62 17.49
N ASN B 219 7.95 -9.38 17.30
CA ASN B 219 9.29 -8.90 17.60
C ASN B 219 10.40 -9.70 16.92
N THR B 220 10.22 -9.93 15.63
CA THR B 220 11.11 -10.77 14.85
C THR B 220 11.94 -9.93 13.91
N LYS B 221 13.25 -10.03 14.01
CA LYS B 221 14.11 -9.37 13.06
C LYS B 221 15.05 -10.41 12.50
N VAL B 222 15.13 -10.52 11.19
CA VAL B 222 16.02 -11.49 10.56
C VAL B 222 16.87 -10.86 9.49
N ASP B 223 18.16 -11.15 9.49
CA ASP B 223 19.00 -10.77 8.38
C ASP B 223 19.36 -12.04 7.64
N LYS B 224 19.03 -12.12 6.37
CA LYS B 224 19.31 -13.33 5.60
C LYS B 224 20.34 -13.09 4.49
N ARG B 225 21.39 -13.89 4.43
CA ARG B 225 22.29 -13.77 3.31
C ARG B 225 21.76 -14.47 2.08
N VAL B 226 21.79 -13.78 0.95
CA VAL B 226 21.38 -14.39 -0.30
C VAL B 226 22.59 -14.58 -1.21
N GLU B 227 22.98 -15.81 -1.41
CA GLU B 227 24.20 -16.10 -2.14
C GLU B 227 23.93 -17.07 -3.26
N PRO B 228 24.77 -16.92 -4.37
CA PRO B 228 24.50 -17.90 -5.44
C PRO B 228 24.71 -19.34 -5.02
N LYS B 229 23.83 -20.21 -5.46
CA LYS B 229 23.90 -21.61 -5.08
C LYS B 229 25.08 -22.26 -5.77
N SER B 230 25.70 -23.21 -5.08
CA SER B 230 26.94 -23.78 -5.55
C SER B 230 26.70 -24.96 -6.47
#